data_4CV3
#
_entry.id   4CV3
#
_cell.length_a   79.678
_cell.length_b   79.678
_cell.length_c   330.150
_cell.angle_alpha   90.00
_cell.angle_beta   90.00
_cell.angle_gamma   120.00
#
_symmetry.space_group_name_H-M   'P 61 2 2'
#
loop_
_entity.id
_entity.type
_entity.pdbx_description
1 polymer 'ENOYL-[ACYL-CARRIER-PROTEIN] REDUCTASE [NADH]'
2 non-polymer 2-hexyl-1-methyl-5-(2-methylphenoxy)pyridin-4(1H)-one
3 non-polymer '1,4-DIHYDRONICOTINAMIDE ADENINE DINUCLEOTIDE'
4 water water
#
_entity_poly.entity_id   1
_entity_poly.type   'polypeptide(L)'
_entity_poly.pdbx_seq_one_letter_code
;MGFLSGKRILVTGVASKLSIAYGIAQAMHREGAELAFTYQNDKLKGRVEEFAAQLGSDIVLQCDVAEDASIDTMFAELGK
VWPKFDGFVHSIGFAPGDQLDGDYVNAVTREGFKIAHDISSYSFVAMAKACRSMLNPGSALLTLSYLGAERAIPNYNVMG
LAKASLEANVRYMANAMGPEGVRVNAISAGPIRTLAASGIKDFRKMLAHCEAVTPIRRTVTIEDVGNSAAFLCSDLSAGI
SGEVVHVDGGFSIAAMNELELKLEHHHHHH
;
_entity_poly.pdbx_strand_id   A,B
#
# COMPACT_ATOMS: atom_id res chain seq x y z
N GLY A 2 -8.04 2.12 36.10
CA GLY A 2 -8.01 3.11 34.99
C GLY A 2 -8.82 2.49 33.85
N PHE A 3 -8.88 3.16 32.70
CA PHE A 3 -9.80 2.73 31.67
C PHE A 3 -9.42 1.44 30.90
N LEU A 4 -8.24 0.86 31.17
CA LEU A 4 -7.83 -0.47 30.66
C LEU A 4 -7.84 -1.61 31.70
N SER A 5 -8.39 -1.35 32.87
CA SER A 5 -8.45 -2.40 33.89
CA SER A 5 -8.43 -2.41 33.89
C SER A 5 -9.24 -3.59 33.36
N GLY A 6 -8.72 -4.79 33.58
CA GLY A 6 -9.24 -6.06 33.08
C GLY A 6 -8.91 -6.41 31.64
N LYS A 7 -8.17 -5.54 30.93
CA LYS A 7 -7.68 -5.85 29.57
C LYS A 7 -6.28 -6.49 29.61
N ARG A 8 -6.02 -7.42 28.68
CA ARG A 8 -4.73 -8.07 28.52
C ARG A 8 -4.27 -7.74 27.13
N ILE A 9 -3.21 -6.94 27.05
CA ILE A 9 -2.71 -6.47 25.77
CA ILE A 9 -2.72 -6.50 25.76
C ILE A 9 -1.25 -6.87 25.50
N LEU A 10 -0.98 -7.41 24.30
CA LEU A 10 0.38 -7.76 23.86
C LEU A 10 1.01 -6.56 23.11
N VAL A 11 2.23 -6.23 23.47
CA VAL A 11 2.90 -5.03 22.96
C VAL A 11 4.13 -5.49 22.22
N THR A 12 4.17 -5.26 20.90
CA THR A 12 5.37 -5.55 20.14
C THR A 12 6.24 -4.30 20.06
N GLY A 13 7.47 -4.43 19.57
CA GLY A 13 8.18 -3.25 19.10
C GLY A 13 8.97 -2.44 20.10
N VAL A 14 9.05 -2.87 21.36
CA VAL A 14 9.86 -2.15 22.34
C VAL A 14 11.35 -2.45 22.06
N ALA A 15 12.13 -1.43 21.69
CA ALA A 15 13.56 -1.58 21.45
C ALA A 15 14.39 -0.68 22.37
N SER A 16 13.83 0.45 22.80
CA SER A 16 14.51 1.38 23.72
C SER A 16 13.50 2.23 24.48
N LYS A 17 13.96 3.07 25.39
CA LYS A 17 13.11 4.06 26.02
C LYS A 17 12.51 5.04 24.99
N LEU A 18 13.08 5.10 23.82
CA LEU A 18 12.60 6.05 22.82
C LEU A 18 11.50 5.47 21.94
N SER A 19 11.33 4.15 21.92
CA SER A 19 10.37 3.51 21.01
C SER A 19 8.97 4.06 21.27
N ILE A 20 8.17 4.16 20.21
CA ILE A 20 6.77 4.49 20.38
C ILE A 20 6.09 3.41 21.26
N ALA A 21 6.33 2.13 20.98
CA ALA A 21 5.84 1.03 21.81
C ALA A 21 6.15 1.23 23.29
N TYR A 22 7.31 1.78 23.64
CA TYR A 22 7.59 2.06 25.06
C TYR A 22 6.57 3.03 25.66
N GLY A 23 6.39 4.18 25.02
CA GLY A 23 5.33 5.13 25.38
C GLY A 23 3.94 4.54 25.50
N ILE A 24 3.56 3.73 24.52
CA ILE A 24 2.26 3.04 24.59
C ILE A 24 2.17 2.13 25.82
N ALA A 25 3.23 1.41 26.12
CA ALA A 25 3.20 0.38 27.17
C ALA A 25 3.08 1.13 28.49
N GLN A 26 3.82 2.23 28.63
CA GLN A 26 3.68 3.01 29.87
C GLN A 26 2.29 3.58 30.07
N ALA A 27 1.66 4.10 29.00
CA ALA A 27 0.32 4.65 29.14
C ALA A 27 -0.68 3.55 29.48
N MET A 28 -0.52 2.39 28.87
CA MET A 28 -1.44 1.29 29.10
C MET A 28 -1.33 0.72 30.51
N HIS A 29 -0.11 0.51 30.97
CA HIS A 29 0.17 0.13 32.38
C HIS A 29 -0.44 1.13 33.33
N ARG A 30 -0.23 2.42 33.10
CA ARG A 30 -0.80 3.42 33.97
C ARG A 30 -2.32 3.29 34.01
N GLU A 31 -2.97 2.93 32.89
CA GLU A 31 -4.43 2.83 32.86
C GLU A 31 -4.93 1.46 33.27
N GLY A 32 -4.07 0.59 33.77
CA GLY A 32 -4.58 -0.63 34.42
C GLY A 32 -4.46 -1.92 33.63
N ALA A 33 -4.00 -1.88 32.36
CA ALA A 33 -3.83 -3.11 31.56
C ALA A 33 -2.83 -4.08 32.19
N GLU A 34 -3.01 -5.39 32.02
CA GLU A 34 -1.90 -6.36 32.12
C GLU A 34 -1.25 -6.47 30.75
N LEU A 35 0.07 -6.45 30.73
CA LEU A 35 0.84 -6.38 29.49
C LEU A 35 1.70 -7.61 29.31
N ALA A 36 1.85 -7.97 28.03
CA ALA A 36 2.84 -8.95 27.54
C ALA A 36 3.69 -8.31 26.46
N PHE A 37 4.95 -8.75 26.32
CA PHE A 37 5.87 -8.06 25.39
C PHE A 37 6.51 -9.09 24.46
N THR A 38 6.85 -8.68 23.25
CA THR A 38 7.67 -9.54 22.36
C THR A 38 8.98 -8.84 22.14
N TYR A 39 9.98 -9.61 21.71
CA TYR A 39 11.28 -9.04 21.33
C TYR A 39 11.74 -9.71 20.03
N GLN A 40 12.39 -8.94 19.16
CA GLN A 40 12.66 -9.44 17.82
C GLN A 40 13.73 -10.55 17.85
N ASN A 41 14.74 -10.39 18.71
CA ASN A 41 15.99 -11.13 18.51
C ASN A 41 16.78 -11.15 19.81
N ASP A 42 17.87 -11.93 19.82
CA ASP A 42 18.72 -12.07 20.99
C ASP A 42 19.27 -10.74 21.50
N LYS A 43 19.55 -9.82 20.58
CA LYS A 43 20.16 -8.53 20.94
C LYS A 43 19.25 -7.73 21.87
N LEU A 44 17.95 -7.74 21.58
CA LEU A 44 16.95 -6.92 22.31
C LEU A 44 16.35 -7.53 23.56
N LYS A 45 16.52 -8.84 23.73
CA LYS A 45 15.84 -9.59 24.79
C LYS A 45 15.99 -8.97 26.20
N GLY A 46 17.23 -8.65 26.57
CA GLY A 46 17.50 -8.20 27.92
C GLY A 46 16.84 -6.86 28.22
N ARG A 47 16.93 -5.94 27.27
CA ARG A 47 16.25 -4.66 27.39
CA ARG A 47 16.25 -4.67 27.39
C ARG A 47 14.74 -4.85 27.54
N VAL A 48 14.14 -5.68 26.70
CA VAL A 48 12.68 -5.89 26.78
C VAL A 48 12.32 -6.57 28.11
N GLU A 49 13.11 -7.54 28.56
CA GLU A 49 12.90 -8.14 29.90
C GLU A 49 12.89 -7.11 31.02
N GLU A 50 13.83 -6.19 31.03
CA GLU A 50 13.93 -5.25 32.14
C GLU A 50 12.80 -4.23 32.07
N PHE A 51 12.40 -3.81 30.87
CA PHE A 51 11.22 -2.95 30.76
C PHE A 51 9.96 -3.66 31.24
N ALA A 52 9.75 -4.88 30.75
CA ALA A 52 8.57 -5.65 31.19
C ALA A 52 8.50 -5.80 32.74
N ALA A 53 9.63 -6.10 33.39
CA ALA A 53 9.69 -6.18 34.86
C ALA A 53 9.38 -4.84 35.49
N GLN A 54 9.86 -3.73 34.94
CA GLN A 54 9.49 -2.41 35.46
C GLN A 54 7.98 -2.18 35.43
N LEU A 55 7.28 -2.78 34.47
CA LEU A 55 5.85 -2.53 34.33
C LEU A 55 5.04 -3.71 34.86
N GLY A 56 5.66 -4.48 35.74
CA GLY A 56 4.99 -5.59 36.42
C GLY A 56 4.63 -6.82 35.60
N SER A 57 5.22 -6.97 34.41
CA SER A 57 4.98 -8.17 33.61
C SER A 57 6.15 -9.14 33.58
N ASP A 58 5.87 -10.42 33.43
CA ASP A 58 6.95 -11.37 33.15
C ASP A 58 6.57 -12.32 32.01
N ILE A 59 5.77 -11.80 31.08
CA ILE A 59 5.52 -12.49 29.82
C ILE A 59 6.35 -11.81 28.72
N VAL A 60 7.49 -12.38 28.36
CA VAL A 60 8.39 -11.70 27.41
C VAL A 60 8.83 -12.75 26.41
N LEU A 61 8.38 -12.62 25.15
CA LEU A 61 8.50 -13.74 24.20
C LEU A 61 9.16 -13.35 22.89
N GLN A 62 9.93 -14.27 22.31
CA GLN A 62 10.65 -13.93 21.09
C GLN A 62 9.61 -13.90 19.99
N CYS A 63 9.71 -12.93 19.06
CA CYS A 63 8.90 -13.02 17.85
C CYS A 63 9.57 -12.21 16.74
N ASP A 64 9.95 -12.89 15.65
CA ASP A 64 10.46 -12.23 14.44
C ASP A 64 9.37 -12.34 13.38
N VAL A 65 8.77 -11.22 13.00
CA VAL A 65 7.57 -11.31 12.17
C VAL A 65 7.87 -11.64 10.71
N ALA A 66 9.15 -11.70 10.36
CA ALA A 66 9.56 -12.26 9.06
C ALA A 66 9.18 -13.73 8.87
N GLU A 67 8.95 -14.44 9.97
CA GLU A 67 8.81 -15.90 9.94
C GLU A 67 7.46 -16.35 10.48
N ASP A 68 6.65 -16.99 9.65
CA ASP A 68 5.38 -17.54 10.15
C ASP A 68 5.52 -18.45 11.38
N ALA A 69 6.58 -19.27 11.39
CA ALA A 69 6.79 -20.24 12.48
C ALA A 69 7.05 -19.49 13.79
N SER A 70 7.80 -18.40 13.71
CA SER A 70 8.12 -17.60 14.89
C SER A 70 6.87 -16.97 15.48
N ILE A 71 6.06 -16.35 14.64
CA ILE A 71 4.76 -15.83 15.08
C ILE A 71 3.90 -16.94 15.68
N ASP A 72 3.84 -18.11 15.05
CA ASP A 72 2.94 -19.16 15.56
C ASP A 72 3.43 -19.69 16.92
N THR A 73 4.74 -19.87 17.06
CA THR A 73 5.36 -20.33 18.32
C THR A 73 5.07 -19.29 19.39
N MET A 74 5.26 -18.02 19.04
CA MET A 74 5.08 -16.99 20.05
C MET A 74 3.67 -17.06 20.62
N PHE A 75 2.66 -17.20 19.76
CA PHE A 75 1.28 -17.16 20.25
C PHE A 75 0.90 -18.43 21.01
N ALA A 76 1.48 -19.57 20.60
CA ALA A 76 1.36 -20.80 21.38
C ALA A 76 1.96 -20.63 22.79
N GLU A 77 3.13 -19.99 22.92
CA GLU A 77 3.69 -19.68 24.24
C GLU A 77 2.80 -18.76 25.06
N LEU A 78 2.31 -17.70 24.40
CA LEU A 78 1.42 -16.75 25.02
C LEU A 78 0.19 -17.48 25.53
N GLY A 79 -0.35 -18.36 24.69
CA GLY A 79 -1.53 -19.16 25.08
C GLY A 79 -1.41 -19.88 26.43
N LYS A 80 -0.19 -20.20 26.87
CA LYS A 80 -0.02 -20.92 28.15
C LYS A 80 -0.34 -20.05 29.36
N VAL A 81 -0.17 -18.75 29.22
CA VAL A 81 -0.46 -17.80 30.30
C VAL A 81 -1.73 -17.00 30.00
N TRP A 82 -1.98 -16.69 28.73
CA TRP A 82 -3.15 -15.93 28.30
C TRP A 82 -3.90 -16.73 27.24
N PRO A 83 -4.73 -17.72 27.63
CA PRO A 83 -5.41 -18.51 26.60
C PRO A 83 -6.26 -17.62 25.71
N LYS A 84 -6.85 -16.57 26.30
CA LYS A 84 -7.52 -15.55 25.52
C LYS A 84 -6.97 -14.20 25.98
N PHE A 85 -7.09 -13.17 25.16
CA PHE A 85 -6.58 -11.86 25.52
C PHE A 85 -7.31 -10.87 24.62
N ASP A 86 -6.97 -9.57 24.69
CA ASP A 86 -7.87 -8.49 24.31
C ASP A 86 -7.26 -7.59 23.24
N GLY A 87 -6.15 -8.02 22.68
CA GLY A 87 -5.67 -7.45 21.41
C GLY A 87 -4.20 -7.15 21.53
N PHE A 88 -3.66 -6.49 20.51
CA PHE A 88 -2.22 -6.26 20.48
C PHE A 88 -1.88 -4.96 19.78
N VAL A 89 -0.71 -4.44 20.16
CA VAL A 89 -0.14 -3.25 19.55
C VAL A 89 0.98 -3.67 18.59
N HIS A 90 0.85 -3.34 17.31
CA HIS A 90 1.84 -3.65 16.28
C HIS A 90 2.65 -2.40 16.05
N SER A 91 3.89 -2.41 16.52
CA SER A 91 4.69 -1.19 16.42
C SER A 91 6.02 -1.60 15.78
N ILE A 92 5.96 -2.05 14.54
CA ILE A 92 7.06 -2.77 13.89
C ILE A 92 7.20 -2.18 12.50
N GLY A 93 8.37 -1.66 12.17
CA GLY A 93 8.60 -1.19 10.80
C GLY A 93 10.04 -1.44 10.43
N PHE A 94 10.26 -1.66 9.13
CA PHE A 94 11.62 -1.83 8.66
C PHE A 94 11.64 -1.63 7.15
N ALA A 95 12.73 -1.04 6.65
CA ALA A 95 13.13 -1.12 5.25
C ALA A 95 14.67 -1.15 5.26
N PRO A 96 15.30 -1.92 4.33
CA PRO A 96 16.77 -1.83 4.28
C PRO A 96 17.23 -0.37 4.11
N GLY A 97 18.37 -0.05 4.74
CA GLY A 97 18.84 1.35 4.78
C GLY A 97 19.04 1.97 3.40
N ASP A 98 19.50 1.20 2.42
CA ASP A 98 19.69 1.76 1.06
C ASP A 98 18.37 2.23 0.39
N GLN A 99 17.23 1.85 0.93
CA GLN A 99 15.91 2.26 0.43
C GLN A 99 15.60 3.71 0.76
N LEU A 100 16.21 4.20 1.84
CA LEU A 100 15.77 5.44 2.51
C LEU A 100 16.71 6.63 2.28
N ASP A 101 17.42 6.63 1.16
CA ASP A 101 18.33 7.72 0.82
C ASP A 101 18.16 8.16 -0.63
N GLY A 102 17.83 9.43 -0.82
CA GLY A 102 17.92 10.00 -2.17
C GLY A 102 16.68 9.77 -3.01
N ASP A 103 16.76 10.12 -4.29
CA ASP A 103 15.66 9.97 -5.25
C ASP A 103 14.93 8.60 -5.11
N TYR A 104 13.60 8.61 -4.98
CA TYR A 104 12.85 7.36 -4.70
C TYR A 104 12.95 6.32 -5.81
N VAL A 105 12.82 6.77 -7.05
CA VAL A 105 12.83 5.87 -8.17
C VAL A 105 14.23 5.24 -8.25
N ASN A 106 15.30 5.99 -7.98
CA ASN A 106 16.63 5.35 -8.07
C ASN A 106 16.90 4.41 -6.93
N ALA A 107 16.42 4.78 -5.74
CA ALA A 107 16.72 3.99 -4.52
C ALA A 107 15.94 2.67 -4.41
N VAL A 108 14.69 2.66 -4.85
CA VAL A 108 13.82 1.47 -4.64
C VAL A 108 14.28 0.29 -5.52
N THR A 109 14.17 -0.93 -4.96
CA THR A 109 14.52 -2.15 -5.70
C THR A 109 13.42 -3.14 -5.38
N ARG A 110 13.36 -4.23 -6.16
CA ARG A 110 12.29 -5.21 -5.97
C ARG A 110 12.42 -5.84 -4.61
N GLU A 111 13.67 -6.10 -4.21
CA GLU A 111 13.92 -6.69 -2.92
C GLU A 111 13.66 -5.71 -1.77
N GLY A 112 14.10 -4.46 -1.87
CA GLY A 112 13.81 -3.50 -0.81
C GLY A 112 12.32 -3.25 -0.63
N PHE A 113 11.60 -3.17 -1.75
CA PHE A 113 10.13 -3.08 -1.74
C PHE A 113 9.52 -4.28 -1.04
N LYS A 114 9.98 -5.48 -1.40
CA LYS A 114 9.41 -6.71 -0.87
C LYS A 114 9.53 -6.71 0.67
N ILE A 115 10.74 -6.47 1.17
CA ILE A 115 10.99 -6.52 2.60
C ILE A 115 10.20 -5.44 3.35
N ALA A 116 10.30 -4.19 2.87
CA ALA A 116 9.50 -3.08 3.40
C ALA A 116 8.04 -3.47 3.63
N HIS A 117 7.39 -3.96 2.58
CA HIS A 117 5.96 -4.30 2.65
C HIS A 117 5.79 -5.53 3.54
N ASP A 118 6.73 -6.48 3.47
CA ASP A 118 6.55 -7.72 4.25
C ASP A 118 6.57 -7.42 5.74
N ILE A 119 7.55 -6.64 6.18
CA ILE A 119 7.79 -6.43 7.61
C ILE A 119 6.88 -5.31 8.17
N SER A 120 6.68 -4.24 7.38
CA SER A 120 5.88 -3.09 7.83
C SER A 120 4.37 -3.24 7.66
N SER A 121 3.91 -4.04 6.69
CA SER A 121 2.47 -4.16 6.40
C SER A 121 1.95 -5.58 6.57
N TYR A 122 2.51 -6.54 5.85
CA TYR A 122 2.01 -7.93 5.99
C TYR A 122 2.01 -8.46 7.42
N SER A 123 3.04 -8.16 8.21
CA SER A 123 3.17 -8.78 9.53
C SER A 123 1.98 -8.41 10.43
N PHE A 124 1.35 -7.27 10.21
CA PHE A 124 0.20 -6.86 11.05
C PHE A 124 -0.94 -7.88 10.87
N VAL A 125 -1.23 -8.27 9.63
CA VAL A 125 -2.28 -9.28 9.45
C VAL A 125 -1.73 -10.69 9.73
N ALA A 126 -0.45 -10.96 9.48
CA ALA A 126 0.13 -12.28 9.90
C ALA A 126 -0.15 -12.48 11.39
N MET A 127 0.04 -11.43 12.20
CA MET A 127 -0.24 -11.59 13.65
C MET A 127 -1.70 -11.88 13.93
N ALA A 128 -2.56 -11.09 13.31
CA ALA A 128 -4.01 -11.25 13.49
C ALA A 128 -4.47 -12.66 13.08
N LYS A 129 -3.92 -13.24 12.01
CA LYS A 129 -4.29 -14.59 11.57
C LYS A 129 -3.92 -15.56 12.68
N ALA A 130 -2.68 -15.42 13.17
CA ALA A 130 -2.11 -16.36 14.11
C ALA A 130 -2.79 -16.34 15.48
N CYS A 131 -3.46 -15.26 15.87
CA CYS A 131 -4.10 -15.24 17.19
C CYS A 131 -5.60 -15.02 17.13
N ARG A 132 -6.18 -15.11 15.93
CA ARG A 132 -7.62 -14.80 15.79
C ARG A 132 -8.50 -15.49 16.82
N SER A 133 -8.31 -16.79 17.01
CA SER A 133 -9.21 -17.57 17.89
C SER A 133 -8.97 -17.24 19.37
N MET A 134 -7.90 -16.48 19.65
CA MET A 134 -7.57 -16.12 21.04
C MET A 134 -8.17 -14.82 21.52
N LEU A 135 -8.70 -13.98 20.63
CA LEU A 135 -9.15 -12.63 20.95
C LEU A 135 -10.53 -12.68 21.60
N ASN A 136 -10.66 -12.15 22.80
CA ASN A 136 -12.01 -11.91 23.34
C ASN A 136 -12.85 -10.93 22.52
N PRO A 137 -14.19 -11.08 22.53
CA PRO A 137 -15.03 -9.98 22.05
C PRO A 137 -14.61 -8.72 22.79
N GLY A 138 -14.65 -7.57 22.11
CA GLY A 138 -14.21 -6.31 22.73
C GLY A 138 -12.74 -6.02 22.48
N SER A 139 -12.05 -6.89 21.74
CA SER A 139 -10.61 -6.78 21.52
C SER A 139 -10.31 -5.67 20.53
N ALA A 140 -9.07 -5.20 20.49
CA ALA A 140 -8.76 -4.10 19.60
C ALA A 140 -7.32 -4.24 19.17
N LEU A 141 -7.08 -4.12 17.88
CA LEU A 141 -5.70 -4.21 17.41
C LEU A 141 -5.30 -2.84 16.95
N LEU A 142 -4.03 -2.49 17.09
CA LEU A 142 -3.55 -1.15 16.76
C LEU A 142 -2.17 -1.22 16.06
N THR A 143 -1.99 -0.46 14.99
CA THR A 143 -0.69 -0.37 14.40
C THR A 143 -0.33 1.12 14.24
N LEU A 144 0.87 1.37 13.72
CA LEU A 144 1.43 2.74 13.73
C LEU A 144 1.78 3.05 12.31
N SER A 145 1.24 4.16 11.78
CA SER A 145 1.57 4.58 10.39
C SER A 145 2.13 6.01 10.41
N TYR A 146 2.32 6.60 9.24
CA TYR A 146 2.99 7.89 9.14
C TYR A 146 2.40 8.54 7.89
N LEU A 147 2.40 9.86 7.88
CA LEU A 147 1.92 10.68 6.77
C LEU A 147 2.51 10.30 5.38
N GLY A 148 3.70 9.70 5.39
CA GLY A 148 4.29 9.15 4.17
C GLY A 148 3.38 8.22 3.40
N ALA A 149 2.43 7.56 4.07
CA ALA A 149 1.40 6.77 3.35
C ALA A 149 0.54 7.61 2.38
N GLU A 150 0.28 8.88 2.70
CA GLU A 150 -0.64 9.70 1.93
C GLU A 150 0.00 10.88 1.17
N ARG A 151 1.27 11.19 1.46
CA ARG A 151 2.04 12.25 0.80
C ARG A 151 3.37 11.63 0.34
N ALA A 152 3.95 12.20 -0.72
CA ALA A 152 5.31 11.88 -1.12
C ALA A 152 6.28 12.70 -0.25
N ILE A 153 7.05 12.01 0.56
CA ILE A 153 8.02 12.65 1.46
C ILE A 153 9.40 12.23 1.00
N PRO A 154 10.33 13.19 0.84
CA PRO A 154 11.66 12.81 0.36
C PRO A 154 12.31 11.82 1.32
N ASN A 155 13.11 10.90 0.77
CA ASN A 155 13.87 9.88 1.54
C ASN A 155 13.01 8.82 2.23
N TYR A 156 11.76 9.12 2.60
CA TYR A 156 10.94 8.06 3.25
C TYR A 156 10.67 6.94 2.23
N ASN A 157 10.62 7.33 0.96
CA ASN A 157 10.67 6.41 -0.19
C ASN A 157 9.72 5.20 -0.10
N VAL A 158 10.23 3.98 -0.26
CA VAL A 158 9.32 2.83 -0.33
C VAL A 158 8.57 2.58 1.00
N MET A 159 9.12 3.10 2.09
CA MET A 159 8.33 3.05 3.34
C MET A 159 6.96 3.76 3.25
N GLY A 160 6.81 4.80 2.43
CA GLY A 160 5.46 5.35 2.26
C GLY A 160 4.48 4.38 1.58
N LEU A 161 4.92 3.64 0.56
CA LEU A 161 4.10 2.62 -0.08
C LEU A 161 3.73 1.51 0.90
N ALA A 162 4.71 1.07 1.70
CA ALA A 162 4.43 0.06 2.74
C ALA A 162 3.43 0.59 3.81
N LYS A 163 3.53 1.85 4.23
CA LYS A 163 2.53 2.44 5.12
C LYS A 163 1.15 2.58 4.46
N ALA A 164 1.11 2.90 3.16
CA ALA A 164 -0.20 2.92 2.47
C ALA A 164 -0.84 1.50 2.46
N SER A 165 -0.06 0.48 2.09
CA SER A 165 -0.51 -0.90 2.22
C SER A 165 -1.00 -1.22 3.67
N LEU A 166 -0.25 -0.78 4.70
CA LEU A 166 -0.62 -0.99 6.10
C LEU A 166 -1.97 -0.35 6.44
N GLU A 167 -2.18 0.86 5.94
CA GLU A 167 -3.45 1.53 6.27
C GLU A 167 -4.63 0.85 5.57
N ALA A 168 -4.37 0.32 4.37
CA ALA A 168 -5.40 -0.47 3.69
C ALA A 168 -5.63 -1.74 4.49
N ASN A 169 -4.56 -2.35 4.97
CA ASN A 169 -4.66 -3.54 5.83
C ASN A 169 -5.62 -3.29 7.01
N VAL A 170 -5.41 -2.17 7.69
CA VAL A 170 -6.29 -1.74 8.79
C VAL A 170 -7.78 -1.76 8.37
N ARG A 171 -8.07 -1.26 7.18
CA ARG A 171 -9.49 -1.26 6.77
C ARG A 171 -9.97 -2.68 6.50
N TYR A 172 -9.19 -3.43 5.73
CA TYR A 172 -9.59 -4.80 5.34
C TYR A 172 -9.72 -5.69 6.57
N MET A 173 -8.77 -5.57 7.51
CA MET A 173 -8.87 -6.30 8.79
C MET A 173 -10.07 -5.84 9.60
N ALA A 174 -10.33 -4.51 9.70
CA ALA A 174 -11.48 -4.04 10.52
C ALA A 174 -12.75 -4.69 9.99
N ASN A 175 -12.85 -4.75 8.65
CA ASN A 175 -14.05 -5.33 8.00
C ASN A 175 -14.18 -6.82 8.22
N ALA A 176 -13.04 -7.54 8.17
CA ALA A 176 -13.05 -8.99 8.33
C ALA A 176 -13.36 -9.39 9.77
N MET A 177 -12.88 -8.64 10.73
CA MET A 177 -12.83 -9.12 12.10
C MET A 177 -13.95 -8.48 12.91
N GLY A 178 -14.56 -7.43 12.38
CA GLY A 178 -15.61 -6.71 13.10
C GLY A 178 -16.76 -7.61 13.56
N PRO A 179 -17.20 -8.52 12.69
CA PRO A 179 -18.30 -9.36 13.13
C PRO A 179 -18.00 -10.26 14.32
N GLU A 180 -16.74 -10.63 14.58
CA GLU A 180 -16.36 -11.33 15.82
C GLU A 180 -16.04 -10.39 16.99
N GLY A 181 -16.30 -9.10 16.84
CA GLY A 181 -16.16 -8.21 17.99
C GLY A 181 -14.73 -7.69 18.15
N VAL A 182 -13.96 -7.68 17.07
CA VAL A 182 -12.62 -7.11 17.09
C VAL A 182 -12.62 -5.78 16.30
N ARG A 183 -11.95 -4.77 16.85
CA ARG A 183 -11.73 -3.50 16.14
C ARG A 183 -10.27 -3.43 15.72
N VAL A 184 -10.00 -2.67 14.64
CA VAL A 184 -8.62 -2.58 14.11
C VAL A 184 -8.46 -1.15 13.66
N ASN A 185 -7.43 -0.46 14.19
CA ASN A 185 -7.23 0.93 13.87
C ASN A 185 -5.73 1.16 13.68
N ALA A 186 -5.38 2.36 13.24
CA ALA A 186 -3.99 2.81 13.29
C ALA A 186 -3.92 4.23 13.87
N ILE A 187 -2.73 4.61 14.34
CA ILE A 187 -2.44 6.00 14.65
C ILE A 187 -1.41 6.43 13.60
N SER A 188 -1.69 7.52 12.88
CA SER A 188 -0.65 8.07 12.01
C SER A 188 0.08 9.08 12.87
N ALA A 189 1.26 8.73 13.40
CA ALA A 189 1.93 9.55 14.40
C ALA A 189 2.72 10.64 13.65
N GLY A 190 2.80 11.84 14.23
CA GLY A 190 3.78 12.81 13.76
C GLY A 190 5.18 12.30 14.08
N PRO A 191 6.22 12.86 13.43
CA PRO A 191 7.59 12.46 13.69
C PRO A 191 8.00 12.71 15.13
N ILE A 192 8.72 11.73 15.69
CA ILE A 192 8.95 11.76 17.15
C ILE A 192 10.18 12.63 17.48
N CYS A 210 9.57 22.24 11.52
CA CYS A 210 8.23 21.76 11.14
C CYS A 210 7.24 21.85 12.31
N GLU A 211 7.73 22.18 13.49
CA GLU A 211 6.87 22.52 14.63
C GLU A 211 6.27 23.92 14.55
N ALA A 212 6.94 24.85 13.86
CA ALA A 212 6.32 26.16 13.54
C ALA A 212 5.11 26.10 12.56
N VAL A 213 4.96 25.03 11.77
CA VAL A 213 3.81 24.81 10.87
C VAL A 213 2.82 23.74 11.40
N THR A 214 3.13 23.15 12.55
CA THR A 214 2.21 22.29 13.28
C THR A 214 1.26 23.19 14.05
N PRO A 215 -0.07 22.97 13.92
CA PRO A 215 -1.02 23.80 14.68
C PRO A 215 -0.70 23.87 16.18
N ILE A 216 -0.45 22.75 16.85
CA ILE A 216 -0.14 22.80 18.30
C ILE A 216 1.25 23.38 18.60
N ARG A 217 2.05 23.63 17.56
CA ARG A 217 3.31 24.37 17.72
C ARG A 217 4.35 23.59 18.52
N ARG A 218 4.36 22.27 18.34
CA ARG A 218 5.34 21.40 18.99
C ARG A 218 5.26 20.03 18.31
N THR A 219 6.33 19.26 18.41
CA THR A 219 6.30 17.90 17.90
C THR A 219 5.52 17.05 18.92
N VAL A 220 4.88 16.00 18.45
CA VAL A 220 4.24 15.06 19.37
C VAL A 220 5.28 14.23 20.08
N THR A 221 4.93 13.72 21.25
CA THR A 221 5.84 12.87 22.03
C THR A 221 5.34 11.42 22.05
N ILE A 222 6.13 10.49 22.57
CA ILE A 222 5.62 9.10 22.71
C ILE A 222 4.58 9.08 23.83
N GLU A 223 4.56 10.08 24.69
CA GLU A 223 3.44 10.20 25.65
C GLU A 223 2.09 10.51 24.99
N ASP A 224 2.06 11.47 24.07
CA ASP A 224 0.84 11.83 23.36
C ASP A 224 0.35 10.59 22.60
N VAL A 225 1.29 9.95 21.91
CA VAL A 225 0.94 8.83 21.08
C VAL A 225 0.49 7.73 22.05
N GLY A 226 1.19 7.56 23.15
CA GLY A 226 0.82 6.47 24.05
C GLY A 226 -0.61 6.64 24.60
N ASN A 227 -0.98 7.85 24.95
CA ASN A 227 -2.34 8.09 25.46
C ASN A 227 -3.44 7.86 24.39
N SER A 228 -3.22 8.31 23.17
CA SER A 228 -4.13 7.96 22.05
C SER A 228 -4.21 6.45 21.82
N ALA A 229 -3.10 5.74 21.89
CA ALA A 229 -3.06 4.27 21.76
C ALA A 229 -3.86 3.54 22.84
N ALA A 230 -3.68 3.95 24.10
CA ALA A 230 -4.43 3.41 25.19
C ALA A 230 -5.93 3.61 24.93
N PHE A 231 -6.32 4.82 24.51
CA PHE A 231 -7.72 5.04 24.18
C PHE A 231 -8.21 4.08 23.09
N LEU A 232 -7.44 3.92 22.00
CA LEU A 232 -7.92 3.18 20.86
C LEU A 232 -7.94 1.67 21.17
N CYS A 233 -7.24 1.23 22.21
CA CYS A 233 -7.31 -0.21 22.56
C CYS A 233 -8.29 -0.51 23.69
N SER A 234 -8.97 0.52 24.19
CA SER A 234 -9.91 0.44 25.30
C SER A 234 -11.37 0.47 24.84
N ASP A 235 -12.30 0.16 25.75
CA ASP A 235 -13.73 0.17 25.43
C ASP A 235 -14.30 1.56 25.25
N LEU A 236 -13.49 2.58 25.57
CA LEU A 236 -13.85 3.97 25.30
C LEU A 236 -14.02 4.22 23.80
N SER A 237 -13.24 3.50 22.99
CA SER A 237 -13.20 3.75 21.55
C SER A 237 -14.04 2.70 20.80
N ALA A 238 -15.05 2.12 21.49
CA ALA A 238 -15.92 1.09 20.95
C ALA A 238 -16.58 1.48 19.61
N GLY A 239 -16.76 2.77 19.36
CA GLY A 239 -17.43 3.21 18.13
C GLY A 239 -16.44 3.39 16.99
N ILE A 240 -15.14 3.16 17.21
CA ILE A 240 -14.12 3.48 16.18
C ILE A 240 -13.51 2.19 15.62
N SER A 241 -13.61 1.98 14.29
CA SER A 241 -12.89 0.86 13.73
C SER A 241 -12.53 1.16 12.29
N GLY A 242 -11.39 0.67 11.84
CA GLY A 242 -10.92 0.89 10.46
C GLY A 242 -10.37 2.29 10.25
N GLU A 243 -10.08 3.00 11.34
CA GLU A 243 -9.76 4.42 11.24
C GLU A 243 -8.22 4.60 11.31
N VAL A 244 -7.70 5.57 10.55
CA VAL A 244 -6.32 6.00 10.78
C VAL A 244 -6.42 7.38 11.47
N VAL A 245 -6.17 7.42 12.77
CA VAL A 245 -6.27 8.68 13.52
C VAL A 245 -4.95 9.44 13.49
N HIS A 246 -4.95 10.68 12.98
CA HIS A 246 -3.74 11.50 12.97
C HIS A 246 -3.44 12.04 14.38
N VAL A 247 -2.34 11.56 14.96
CA VAL A 247 -1.84 12.10 16.21
C VAL A 247 -0.53 12.86 15.89
N ASP A 248 -0.65 13.98 15.22
CA ASP A 248 0.52 14.64 14.66
C ASP A 248 0.39 16.11 14.93
N GLY A 249 -0.46 16.46 15.90
CA GLY A 249 -0.64 17.87 16.27
C GLY A 249 -1.30 18.76 15.21
N GLY A 250 -1.94 18.13 14.22
CA GLY A 250 -2.66 18.82 13.14
C GLY A 250 -1.79 19.13 11.91
N PHE A 251 -0.53 18.68 11.94
CA PHE A 251 0.40 18.94 10.85
C PHE A 251 -0.19 18.62 9.48
N SER A 252 -0.81 17.44 9.32
CA SER A 252 -1.28 16.98 7.99
C SER A 252 -2.41 17.85 7.43
N ILE A 253 -3.11 18.59 8.29
CA ILE A 253 -4.24 19.41 7.83
C ILE A 253 -3.89 20.87 7.57
N ALA A 254 -2.61 21.24 7.69
CA ALA A 254 -2.13 22.60 7.46
C ALA A 254 -1.37 22.70 6.12
N ALA A 255 -1.32 23.91 5.56
CA ALA A 255 -0.51 24.19 4.38
C ALA A 255 -0.02 25.63 4.49
N MET A 256 1.30 25.79 4.43
CA MET A 256 1.95 27.07 4.15
C MET A 256 2.00 28.05 5.34
N ASN A 257 2.31 27.58 6.56
CA ASN A 257 2.39 28.47 7.75
C ASN A 257 3.75 29.12 8.07
N GLY B 2 -4.83 14.23 -33.88
CA GLY B 2 -5.57 14.68 -32.64
C GLY B 2 -4.61 14.98 -31.48
N PHE B 3 -5.07 14.93 -30.22
CA PHE B 3 -4.29 15.54 -29.16
C PHE B 3 -3.09 14.73 -28.65
N LEU B 4 -2.90 13.54 -29.19
CA LEU B 4 -1.65 12.75 -28.97
C LEU B 4 -0.70 12.69 -30.19
N SER B 5 -0.95 13.50 -31.21
CA SER B 5 0.00 13.62 -32.34
C SER B 5 1.40 14.00 -31.86
N GLY B 6 2.42 13.34 -32.40
CA GLY B 6 3.78 13.58 -31.95
C GLY B 6 4.23 12.68 -30.79
N LYS B 7 3.31 11.95 -30.15
CA LYS B 7 3.63 11.21 -28.91
C LYS B 7 3.83 9.74 -29.27
N ARG B 8 4.82 9.13 -28.62
CA ARG B 8 5.11 7.69 -28.70
C ARG B 8 4.88 7.08 -27.31
N ILE B 9 3.87 6.23 -27.20
CA ILE B 9 3.46 5.60 -25.93
C ILE B 9 3.48 4.08 -26.01
N LEU B 10 4.04 3.46 -24.97
CA LEU B 10 4.09 2.01 -24.82
C LEU B 10 2.84 1.57 -24.04
N VAL B 11 2.15 0.54 -24.49
CA VAL B 11 0.94 0.09 -23.81
C VAL B 11 1.16 -1.35 -23.36
N THR B 12 1.10 -1.54 -22.05
CA THR B 12 1.16 -2.88 -21.50
C THR B 12 -0.23 -3.48 -21.28
N GLY B 13 -0.32 -4.79 -21.11
CA GLY B 13 -1.51 -5.43 -20.53
C GLY B 13 -2.72 -5.56 -21.43
N VAL B 14 -2.52 -5.50 -22.76
CA VAL B 14 -3.62 -5.82 -23.68
C VAL B 14 -3.70 -7.33 -23.73
N ALA B 15 -4.76 -7.91 -23.20
CA ALA B 15 -4.84 -9.36 -23.22
C ALA B 15 -6.00 -9.78 -24.11
N SER B 16 -7.06 -8.98 -24.16
CA SER B 16 -8.15 -9.31 -25.08
C SER B 16 -8.81 -8.01 -25.47
N LYS B 17 -9.82 -8.10 -26.34
CA LYS B 17 -10.63 -6.93 -26.70
C LYS B 17 -11.38 -6.36 -25.48
N LEU B 18 -11.46 -7.14 -24.40
CA LEU B 18 -12.16 -6.67 -23.20
C LEU B 18 -11.22 -5.95 -22.21
N SER B 19 -9.91 -6.05 -22.46
CA SER B 19 -8.92 -5.41 -21.59
C SER B 19 -9.12 -3.91 -21.56
N ILE B 20 -8.93 -3.31 -20.40
CA ILE B 20 -8.87 -1.86 -20.30
C ILE B 20 -7.77 -1.25 -21.17
N ALA B 21 -6.59 -1.87 -21.20
CA ALA B 21 -5.52 -1.42 -22.08
C ALA B 21 -5.95 -1.41 -23.56
N TYR B 22 -6.87 -2.28 -23.99
CA TYR B 22 -7.33 -2.23 -25.39
C TYR B 22 -8.14 -0.94 -25.63
N GLY B 23 -9.03 -0.59 -24.70
CA GLY B 23 -9.86 0.61 -24.80
C GLY B 23 -8.94 1.83 -24.80
N ILE B 24 -7.93 1.77 -23.94
CA ILE B 24 -6.92 2.83 -23.89
C ILE B 24 -6.12 2.99 -25.22
N ALA B 25 -5.62 1.86 -25.73
CA ALA B 25 -4.86 1.85 -26.98
C ALA B 25 -5.72 2.37 -28.13
N GLN B 26 -6.98 1.95 -28.19
CA GLN B 26 -7.86 2.49 -29.25
C GLN B 26 -8.01 3.99 -29.14
N ALA B 27 -8.25 4.48 -27.93
CA ALA B 27 -8.44 5.92 -27.69
C ALA B 27 -7.17 6.69 -28.04
N MET B 28 -6.00 6.17 -27.67
CA MET B 28 -4.77 6.88 -28.00
C MET B 28 -4.48 6.80 -29.48
N HIS B 29 -4.79 5.69 -30.12
CA HIS B 29 -4.53 5.64 -31.56
C HIS B 29 -5.40 6.62 -32.35
N ARG B 30 -6.68 6.71 -31.96
CA ARG B 30 -7.66 7.67 -32.49
C ARG B 30 -7.15 9.11 -32.40
N GLU B 31 -6.44 9.43 -31.32
CA GLU B 31 -5.94 10.77 -31.10
C GLU B 31 -4.52 10.98 -31.63
N GLY B 32 -4.04 9.99 -32.39
CA GLY B 32 -2.85 10.10 -33.22
C GLY B 32 -1.52 9.74 -32.60
N ALA B 33 -1.53 9.19 -31.38
CA ALA B 33 -0.33 8.61 -30.81
C ALA B 33 0.23 7.47 -31.69
N GLU B 34 1.56 7.35 -31.78
CA GLU B 34 2.21 6.12 -32.23
C GLU B 34 2.42 5.22 -31.02
N LEU B 35 2.19 3.92 -31.20
CA LEU B 35 2.06 3.03 -30.06
C LEU B 35 3.01 1.85 -30.25
N ALA B 36 3.45 1.32 -29.13
CA ALA B 36 4.08 0.00 -29.03
C ALA B 36 3.32 -0.77 -27.98
N PHE B 37 3.48 -2.08 -27.95
CA PHE B 37 2.71 -2.92 -27.04
C PHE B 37 3.64 -3.94 -26.43
N THR B 38 3.34 -4.35 -25.20
CA THR B 38 3.97 -5.53 -24.63
C THR B 38 2.97 -6.66 -24.44
N TYR B 39 3.47 -7.87 -24.24
CA TYR B 39 2.63 -9.01 -23.86
C TYR B 39 3.40 -9.91 -22.90
N GLN B 40 2.68 -10.62 -22.04
CA GLN B 40 3.28 -11.20 -20.86
C GLN B 40 4.04 -12.48 -21.22
N ASN B 41 3.41 -13.34 -22.01
CA ASN B 41 4.00 -14.63 -22.39
C ASN B 41 3.53 -15.09 -23.78
N ASP B 42 3.98 -16.26 -24.21
CA ASP B 42 3.80 -16.64 -25.61
C ASP B 42 2.39 -17.02 -26.05
N LYS B 43 1.48 -17.28 -25.12
CA LYS B 43 0.07 -17.48 -25.51
C LYS B 43 -0.65 -16.21 -26.01
N LEU B 44 -0.16 -15.04 -25.61
CA LEU B 44 -0.83 -13.79 -26.00
C LEU B 44 -0.19 -13.18 -27.25
N LYS B 45 0.95 -13.72 -27.67
CA LYS B 45 1.79 -13.05 -28.67
C LYS B 45 1.05 -12.76 -30.00
N GLY B 46 0.46 -13.80 -30.60
CA GLY B 46 -0.19 -13.69 -31.94
C GLY B 46 -1.29 -12.64 -31.86
N ARG B 47 -2.12 -12.75 -30.83
CA ARG B 47 -3.24 -11.83 -30.71
C ARG B 47 -2.88 -10.38 -30.39
N VAL B 48 -1.80 -10.14 -29.65
CA VAL B 48 -1.39 -8.75 -29.45
C VAL B 48 -0.79 -8.15 -30.76
N GLU B 49 -0.01 -8.96 -31.46
CA GLU B 49 0.40 -8.65 -32.85
C GLU B 49 -0.78 -8.24 -33.72
N GLU B 50 -1.89 -8.95 -33.64
CA GLU B 50 -3.03 -8.57 -34.45
C GLU B 50 -3.65 -7.26 -34.01
N PHE B 51 -3.74 -7.06 -32.68
CA PHE B 51 -4.36 -5.88 -32.16
C PHE B 51 -3.48 -4.71 -32.58
N ALA B 52 -2.16 -4.86 -32.44
CA ALA B 52 -1.20 -3.80 -32.76
C ALA B 52 -1.26 -3.36 -34.22
N ALA B 53 -1.35 -4.35 -35.13
CA ALA B 53 -1.46 -4.11 -36.58
C ALA B 53 -2.71 -3.30 -36.93
N GLN B 54 -3.84 -3.65 -36.29
CA GLN B 54 -5.07 -2.88 -36.44
C GLN B 54 -4.84 -1.45 -36.07
N LEU B 55 -4.02 -1.23 -35.04
CA LEU B 55 -3.69 0.12 -34.64
C LEU B 55 -2.44 0.70 -35.34
N GLY B 56 -2.07 0.15 -36.49
CA GLY B 56 -0.92 0.57 -37.29
C GLY B 56 0.44 0.52 -36.60
N SER B 57 0.62 -0.43 -35.68
CA SER B 57 1.90 -0.63 -35.00
C SER B 57 2.51 -1.97 -35.29
N ASP B 58 3.83 -1.98 -35.44
CA ASP B 58 4.58 -3.23 -35.63
CA ASP B 58 4.61 -3.19 -35.65
C ASP B 58 5.52 -3.50 -34.45
N ILE B 59 5.35 -2.75 -33.37
CA ILE B 59 6.26 -2.87 -32.24
C ILE B 59 5.64 -3.65 -31.10
N VAL B 60 5.96 -4.92 -30.97
CA VAL B 60 5.26 -5.85 -30.07
C VAL B 60 6.30 -6.74 -29.37
N LEU B 61 6.51 -6.49 -28.07
CA LEU B 61 7.64 -7.02 -27.34
C LEU B 61 7.17 -7.80 -26.10
N GLN B 62 7.77 -8.94 -25.82
CA GLN B 62 7.49 -9.77 -24.66
C GLN B 62 8.01 -9.09 -23.40
N CYS B 63 7.20 -9.10 -22.34
CA CYS B 63 7.71 -8.57 -21.09
C CYS B 63 6.94 -9.15 -19.90
N ASP B 64 7.68 -9.82 -19.03
CA ASP B 64 7.11 -10.35 -17.82
C ASP B 64 7.66 -9.48 -16.71
N VAL B 65 6.77 -8.71 -16.06
CA VAL B 65 7.22 -7.71 -15.07
C VAL B 65 7.61 -8.30 -13.69
N ALA B 66 7.36 -9.60 -13.49
CA ALA B 66 8.07 -10.38 -12.45
C ALA B 66 9.61 -10.39 -12.52
N GLU B 67 10.19 -10.18 -13.70
CA GLU B 67 11.64 -10.30 -13.86
CA GLU B 67 11.63 -10.34 -13.99
C GLU B 67 12.31 -9.00 -14.32
N ASP B 68 13.27 -8.54 -13.51
CA ASP B 68 14.07 -7.38 -13.87
C ASP B 68 14.74 -7.55 -15.25
N ALA B 69 15.29 -8.72 -15.54
CA ALA B 69 15.92 -9.00 -16.83
C ALA B 69 14.95 -8.89 -18.02
N SER B 70 13.68 -9.28 -17.82
CA SER B 70 12.69 -9.22 -18.89
C SER B 70 12.33 -7.76 -19.20
N ILE B 71 12.22 -6.94 -18.16
CA ILE B 71 11.93 -5.52 -18.35
C ILE B 71 13.11 -4.83 -19.06
N ASP B 72 14.34 -5.10 -18.65
CA ASP B 72 15.53 -4.46 -19.26
C ASP B 72 15.69 -4.84 -20.71
N THR B 73 15.47 -6.12 -20.99
CA THR B 73 15.54 -6.60 -22.38
C THR B 73 14.50 -5.91 -23.27
N MET B 74 13.24 -5.86 -22.81
CA MET B 74 12.18 -5.25 -23.60
C MET B 74 12.54 -3.79 -23.88
N PHE B 75 13.00 -3.07 -22.85
CA PHE B 75 13.34 -1.67 -23.10
C PHE B 75 14.56 -1.51 -24.01
N ALA B 76 15.49 -2.46 -23.91
CA ALA B 76 16.63 -2.48 -24.82
C ALA B 76 16.19 -2.68 -26.29
N GLU B 77 15.28 -3.63 -26.54
CA GLU B 77 14.62 -3.78 -27.81
C GLU B 77 13.85 -2.55 -28.27
N LEU B 78 13.06 -1.96 -27.37
CA LEU B 78 12.23 -0.81 -27.72
C LEU B 78 13.14 0.34 -28.18
N GLY B 79 14.28 0.47 -27.54
CA GLY B 79 15.30 1.46 -27.88
C GLY B 79 15.83 1.35 -29.31
N LYS B 80 15.77 0.15 -29.89
CA LYS B 80 16.23 -0.01 -31.29
C LYS B 80 15.33 0.76 -32.25
N VAL B 81 14.04 0.89 -31.95
CA VAL B 81 13.09 1.67 -32.77
C VAL B 81 12.74 3.05 -32.20
N TRP B 82 12.76 3.17 -30.87
CA TRP B 82 12.32 4.35 -30.15
C TRP B 82 13.43 4.75 -29.15
N PRO B 83 14.52 5.36 -29.66
CA PRO B 83 15.61 5.71 -28.75
C PRO B 83 15.08 6.54 -27.57
N LYS B 84 14.10 7.41 -27.86
CA LYS B 84 13.34 8.06 -26.82
C LYS B 84 11.85 7.86 -27.06
N PHE B 85 11.05 8.06 -26.01
CA PHE B 85 9.58 8.04 -26.17
C PHE B 85 8.91 8.80 -25.01
N ASP B 86 7.56 8.86 -24.99
CA ASP B 86 6.90 9.89 -24.19
C ASP B 86 6.04 9.30 -23.07
N GLY B 87 6.28 8.06 -22.73
CA GLY B 87 5.65 7.47 -21.53
C GLY B 87 5.05 6.10 -21.80
N PHE B 88 4.37 5.53 -20.81
CA PHE B 88 3.76 4.23 -20.95
C PHE B 88 2.52 4.11 -20.04
N VAL B 89 1.65 3.18 -20.40
CA VAL B 89 0.44 2.90 -19.62
C VAL B 89 0.72 1.55 -18.99
N HIS B 90 0.60 1.51 -17.68
CA HIS B 90 0.80 0.28 -16.91
C HIS B 90 -0.59 -0.28 -16.57
N SER B 91 -1.01 -1.34 -17.23
CA SER B 91 -2.35 -1.91 -17.06
C SER B 91 -2.18 -3.39 -16.71
N ILE B 92 -1.54 -3.59 -15.56
CA ILE B 92 -1.05 -4.89 -15.05
C ILE B 92 -1.45 -5.07 -13.60
N GLY B 93 -2.13 -6.17 -13.33
CA GLY B 93 -2.55 -6.51 -11.98
C GLY B 93 -2.61 -8.02 -11.87
N PHE B 94 -2.21 -8.54 -10.72
CA PHE B 94 -2.30 -9.98 -10.44
C PHE B 94 -2.29 -10.25 -8.94
N ALA B 95 -3.14 -11.18 -8.50
CA ALA B 95 -2.91 -11.90 -7.24
C ALA B 95 -3.26 -13.38 -7.44
N PRO B 96 -2.63 -14.27 -6.65
CA PRO B 96 -3.07 -15.67 -6.81
C PRO B 96 -4.58 -15.86 -6.49
N GLY B 97 -5.25 -16.72 -7.24
CA GLY B 97 -6.70 -16.92 -7.13
C GLY B 97 -7.21 -17.20 -5.73
N ASP B 98 -6.44 -17.95 -4.95
CA ASP B 98 -6.82 -18.22 -3.55
C ASP B 98 -6.83 -16.96 -2.67
N GLN B 99 -6.24 -15.86 -3.12
CA GLN B 99 -6.26 -14.63 -2.31
C GLN B 99 -7.62 -13.94 -2.38
N LEU B 100 -8.39 -14.22 -3.43
CA LEU B 100 -9.52 -13.36 -3.82
C LEU B 100 -10.90 -13.93 -3.54
N ASP B 101 -11.00 -14.79 -2.52
CA ASP B 101 -12.32 -15.32 -2.20
C ASP B 101 -12.43 -15.60 -0.71
N GLY B 102 -13.48 -15.07 -0.08
CA GLY B 102 -13.73 -15.34 1.31
C GLY B 102 -13.12 -14.31 2.22
N ASP B 103 -13.35 -14.48 3.52
CA ASP B 103 -12.74 -13.70 4.60
C ASP B 103 -11.28 -13.31 4.36
N TYR B 104 -11.01 -12.01 4.43
CA TYR B 104 -9.68 -11.48 4.05
C TYR B 104 -8.54 -12.07 4.92
N VAL B 105 -8.76 -12.03 6.25
CA VAL B 105 -7.74 -12.47 7.21
C VAL B 105 -7.51 -13.98 7.05
N ASN B 106 -8.55 -14.73 6.68
CA ASN B 106 -8.37 -16.17 6.42
C ASN B 106 -7.68 -16.46 5.10
N ALA B 107 -7.95 -15.65 4.08
CA ALA B 107 -7.39 -15.99 2.79
C ALA B 107 -5.95 -15.49 2.63
N VAL B 108 -5.62 -14.33 3.16
CA VAL B 108 -4.35 -13.69 2.79
C VAL B 108 -3.19 -14.57 3.26
N THR B 109 -2.16 -14.75 2.42
CA THR B 109 -0.94 -15.36 2.92
C THR B 109 0.28 -14.48 2.67
N ARG B 110 1.40 -14.78 3.33
CA ARG B 110 2.65 -14.04 3.07
C ARG B 110 3.02 -14.06 1.58
N GLU B 111 2.96 -15.23 0.97
CA GLU B 111 3.29 -15.37 -0.45
C GLU B 111 2.28 -14.69 -1.38
N GLY B 112 0.99 -14.85 -1.10
CA GLY B 112 -0.02 -14.12 -1.89
C GLY B 112 0.06 -12.59 -1.77
N PHE B 113 0.36 -12.07 -0.56
CA PHE B 113 0.61 -10.63 -0.35
C PHE B 113 1.82 -10.19 -1.18
N LYS B 114 2.88 -11.01 -1.11
CA LYS B 114 4.15 -10.67 -1.80
C LYS B 114 3.90 -10.58 -3.31
N ILE B 115 3.23 -11.58 -3.86
CA ILE B 115 2.99 -11.63 -5.31
C ILE B 115 2.05 -10.53 -5.78
N ALA B 116 0.98 -10.30 -5.01
CA ALA B 116 0.07 -9.19 -5.32
C ALA B 116 0.74 -7.80 -5.35
N HIS B 117 1.55 -7.47 -4.34
CA HIS B 117 2.28 -6.20 -4.30
C HIS B 117 3.38 -6.08 -5.37
N ASP B 118 4.08 -7.20 -5.58
CA ASP B 118 5.17 -7.24 -6.54
C ASP B 118 4.61 -6.96 -7.96
N ILE B 119 3.62 -7.74 -8.38
CA ILE B 119 3.16 -7.60 -9.75
C ILE B 119 2.29 -6.35 -9.97
N SER B 120 1.46 -5.98 -8.98
CA SER B 120 0.41 -4.95 -9.17
C SER B 120 0.89 -3.56 -8.77
N SER B 121 1.91 -3.51 -7.90
CA SER B 121 2.51 -2.25 -7.47
C SER B 121 3.98 -2.03 -7.83
N TYR B 122 4.90 -2.89 -7.38
CA TYR B 122 6.32 -2.71 -7.69
C TYR B 122 6.56 -2.62 -9.21
N SER B 123 5.87 -3.41 -10.01
CA SER B 123 6.21 -3.44 -11.42
C SER B 123 6.09 -2.05 -12.11
N PHE B 124 5.29 -1.14 -11.56
CA PHE B 124 5.03 0.15 -12.18
C PHE B 124 6.29 0.99 -12.08
N VAL B 125 6.93 0.94 -10.92
CA VAL B 125 8.19 1.64 -10.70
C VAL B 125 9.37 0.89 -11.26
N ALA B 126 9.27 -0.43 -11.37
CA ALA B 126 10.32 -1.23 -12.00
C ALA B 126 10.40 -0.78 -13.45
N MET B 127 9.26 -0.55 -14.10
CA MET B 127 9.29 -0.08 -15.49
C MET B 127 9.86 1.32 -15.60
N ALA B 128 9.40 2.22 -14.75
CA ALA B 128 9.96 3.58 -14.74
C ALA B 128 11.52 3.58 -14.64
N LYS B 129 12.06 2.74 -13.74
CA LYS B 129 13.47 2.64 -13.46
C LYS B 129 14.20 2.26 -14.76
N ALA B 130 13.65 1.29 -15.46
CA ALA B 130 14.28 0.71 -16.62
C ALA B 130 14.20 1.63 -17.84
N CYS B 131 13.23 2.54 -17.90
CA CYS B 131 13.20 3.45 -19.04
C CYS B 131 13.47 4.92 -18.73
N ARG B 132 13.88 5.23 -17.51
CA ARG B 132 13.95 6.62 -17.08
C ARG B 132 14.79 7.50 -18.02
N SER B 133 15.89 6.96 -18.52
CA SER B 133 16.79 7.73 -19.38
C SER B 133 16.31 7.87 -20.82
N MET B 134 15.25 7.13 -21.17
CA MET B 134 14.69 7.14 -22.51
C MET B 134 13.51 8.12 -22.67
N LEU B 135 13.09 8.73 -21.57
CA LEU B 135 11.86 9.52 -21.57
C LEU B 135 12.14 10.97 -22.01
N ASN B 136 11.32 11.48 -22.93
CA ASN B 136 11.37 12.90 -23.29
C ASN B 136 10.84 13.83 -22.22
N PRO B 137 11.30 15.08 -22.20
CA PRO B 137 10.57 16.09 -21.42
C PRO B 137 9.10 16.08 -21.87
N GLY B 138 8.17 16.24 -20.94
CA GLY B 138 6.73 16.17 -21.25
C GLY B 138 6.12 14.76 -21.24
N SER B 139 6.89 13.75 -20.84
CA SER B 139 6.40 12.39 -20.77
C SER B 139 5.36 12.20 -19.67
N ALA B 140 4.58 11.14 -19.79
CA ALA B 140 3.51 10.84 -18.84
C ALA B 140 3.38 9.32 -18.68
N LEU B 141 3.36 8.91 -17.42
CA LEU B 141 3.12 7.53 -17.00
C LEU B 141 1.72 7.37 -16.36
N LEU B 142 1.04 6.25 -16.63
CA LEU B 142 -0.31 6.03 -16.16
C LEU B 142 -0.46 4.58 -15.71
N THR B 143 -1.13 4.40 -14.57
CA THR B 143 -1.47 3.07 -14.14
C THR B 143 -2.94 3.08 -13.81
N LEU B 144 -3.46 1.87 -13.57
CA LEU B 144 -4.87 1.68 -13.29
C LEU B 144 -5.04 1.16 -11.86
N SER B 145 -5.89 1.84 -11.10
CA SER B 145 -6.18 1.39 -9.76
C SER B 145 -7.70 1.17 -9.58
N TYR B 146 -8.09 0.90 -8.35
CA TYR B 146 -9.46 0.51 -8.06
C TYR B 146 -9.80 0.93 -6.63
N LEU B 147 -11.09 1.20 -6.39
CA LEU B 147 -11.63 1.73 -5.11
C LEU B 147 -11.23 0.89 -3.90
N GLY B 148 -10.98 -0.40 -4.12
CA GLY B 148 -10.51 -1.30 -3.07
C GLY B 148 -9.20 -0.75 -2.47
N ALA B 149 -8.51 0.20 -3.13
CA ALA B 149 -7.34 0.81 -2.48
C ALA B 149 -7.82 1.59 -1.26
N GLU B 150 -9.03 2.16 -1.35
CA GLU B 150 -9.55 3.17 -0.41
C GLU B 150 -10.59 2.66 0.58
N ARG B 151 -11.25 1.55 0.25
CA ARG B 151 -12.27 0.93 1.09
C ARG B 151 -12.02 -0.56 1.20
N ALA B 152 -12.53 -1.19 2.26
CA ALA B 152 -12.59 -2.62 2.39
C ALA B 152 -13.74 -3.15 1.53
N ILE B 153 -13.42 -3.89 0.49
CA ILE B 153 -14.37 -4.57 -0.39
C ILE B 153 -14.24 -6.08 -0.21
N PRO B 154 -15.37 -6.78 0.03
CA PRO B 154 -15.28 -8.24 0.24
C PRO B 154 -14.66 -8.92 -0.97
N ASN B 155 -13.82 -9.92 -0.70
CA ASN B 155 -13.14 -10.71 -1.74
C ASN B 155 -11.94 -10.09 -2.44
N TYR B 156 -11.99 -8.78 -2.70
CA TYR B 156 -10.86 -8.10 -3.34
C TYR B 156 -9.61 -8.25 -2.46
N ASN B 157 -9.82 -8.22 -1.13
CA ASN B 157 -8.87 -8.73 -0.17
C ASN B 157 -7.50 -8.11 -0.45
N VAL B 158 -6.45 -8.94 -0.55
CA VAL B 158 -5.08 -8.38 -0.63
C VAL B 158 -4.83 -7.47 -1.87
N MET B 159 -5.60 -7.59 -2.96
CA MET B 159 -5.52 -6.59 -4.06
C MET B 159 -5.76 -5.15 -3.58
N GLY B 160 -6.58 -4.97 -2.56
CA GLY B 160 -6.89 -3.63 -2.11
C GLY B 160 -5.64 -3.11 -1.44
N LEU B 161 -4.90 -3.95 -0.69
CA LEU B 161 -3.60 -3.48 -0.21
C LEU B 161 -2.61 -3.17 -1.33
N ALA B 162 -2.56 -4.04 -2.34
CA ALA B 162 -1.56 -3.86 -3.42
C ALA B 162 -1.90 -2.57 -4.14
N LYS B 163 -3.20 -2.29 -4.27
CA LYS B 163 -3.65 -1.07 -4.96
C LYS B 163 -3.33 0.17 -4.16
N ALA B 164 -3.46 0.08 -2.84
CA ALA B 164 -3.11 1.25 -2.03
C ALA B 164 -1.60 1.55 -2.17
N SER B 165 -0.79 0.48 -2.16
CA SER B 165 0.65 0.65 -2.39
C SER B 165 0.90 1.28 -3.77
N LEU B 166 0.20 0.76 -4.78
CA LEU B 166 0.24 1.35 -6.16
C LEU B 166 -0.06 2.85 -6.15
N GLU B 167 -1.11 3.28 -5.45
CA GLU B 167 -1.45 4.73 -5.52
C GLU B 167 -0.37 5.54 -4.79
N ALA B 168 0.19 5.02 -3.71
CA ALA B 168 1.30 5.73 -3.06
C ALA B 168 2.50 5.78 -4.06
N ASN B 169 2.68 4.72 -4.82
CA ASN B 169 3.79 4.62 -5.80
C ASN B 169 3.61 5.74 -6.83
N VAL B 170 2.37 5.99 -7.27
CA VAL B 170 2.07 7.12 -8.17
C VAL B 170 2.55 8.45 -7.56
N ARG B 171 2.28 8.65 -6.26
CA ARG B 171 2.71 9.93 -5.65
C ARG B 171 4.23 10.07 -5.56
N TYR B 172 4.88 9.04 -5.02
CA TYR B 172 6.35 9.04 -4.90
C TYR B 172 7.10 9.15 -6.24
N MET B 173 6.57 8.44 -7.23
CA MET B 173 7.10 8.53 -8.58
C MET B 173 6.87 9.92 -9.17
N ALA B 174 5.69 10.51 -8.98
CA ALA B 174 5.43 11.84 -9.55
C ALA B 174 6.39 12.85 -8.95
N ASN B 175 6.55 12.73 -7.63
CA ASN B 175 7.44 13.60 -6.90
C ASN B 175 8.88 13.43 -7.34
N ALA B 176 9.30 12.20 -7.59
CA ALA B 176 10.71 11.97 -8.00
C ALA B 176 11.04 12.45 -9.40
N MET B 177 10.13 12.21 -10.32
CA MET B 177 10.37 12.40 -11.76
C MET B 177 9.87 13.75 -12.29
N GLY B 178 9.10 14.48 -11.51
CA GLY B 178 8.51 15.72 -11.99
C GLY B 178 9.61 16.69 -12.43
N PRO B 179 10.67 16.80 -11.60
CA PRO B 179 11.72 17.78 -11.95
C PRO B 179 12.39 17.57 -13.29
N GLU B 180 12.36 16.35 -13.82
CA GLU B 180 12.99 16.08 -15.12
C GLU B 180 11.92 16.00 -16.17
N GLY B 181 10.74 16.50 -15.83
CA GLY B 181 9.67 16.72 -16.80
C GLY B 181 8.80 15.50 -17.10
N VAL B 182 8.60 14.63 -16.12
CA VAL B 182 7.74 13.45 -16.29
C VAL B 182 6.58 13.57 -15.29
N ARG B 183 5.34 13.39 -15.76
CA ARG B 183 4.17 13.29 -14.88
C ARG B 183 3.81 11.83 -14.63
N VAL B 184 3.14 11.54 -13.52
CA VAL B 184 2.74 10.18 -13.18
C VAL B 184 1.35 10.27 -12.54
N ASN B 185 0.40 9.50 -13.07
CA ASN B 185 -0.97 9.53 -12.59
C ASN B 185 -1.57 8.14 -12.54
N ALA B 186 -2.72 8.02 -11.88
CA ALA B 186 -3.53 6.82 -11.99
C ALA B 186 -4.98 7.16 -12.38
N ILE B 187 -5.64 6.19 -13.03
CA ILE B 187 -7.08 6.16 -13.05
C ILE B 187 -7.58 5.13 -12.04
N SER B 188 -8.51 5.55 -11.18
CA SER B 188 -9.26 4.57 -10.38
C SER B 188 -10.55 4.28 -11.13
N ALA B 189 -10.58 3.12 -11.80
CA ALA B 189 -11.71 2.82 -12.69
C ALA B 189 -12.82 2.10 -11.94
N GLY B 190 -14.06 2.41 -12.32
CA GLY B 190 -15.23 1.63 -11.89
C GLY B 190 -15.14 0.23 -12.47
N PRO B 191 -15.87 -0.75 -11.89
CA PRO B 191 -15.83 -2.14 -12.34
C PRO B 191 -16.30 -2.22 -13.79
N ILE B 192 -15.58 -2.95 -14.64
CA ILE B 192 -15.92 -2.96 -16.04
C ILE B 192 -16.79 -4.17 -16.41
N CYS B 210 -23.59 -1.52 -7.91
CA CYS B 210 -23.68 -1.38 -9.37
C CYS B 210 -24.48 -0.15 -9.83
N GLU B 211 -24.99 -0.22 -11.07
CA GLU B 211 -25.62 0.87 -11.85
C GLU B 211 -26.65 1.76 -11.12
N ALA B 212 -27.51 1.14 -10.31
CA ALA B 212 -28.61 1.86 -9.62
C ALA B 212 -28.16 2.90 -8.56
N VAL B 213 -26.96 2.76 -8.00
CA VAL B 213 -26.39 3.74 -7.02
C VAL B 213 -25.21 4.60 -7.51
N THR B 214 -24.70 4.29 -8.71
CA THR B 214 -23.78 5.15 -9.46
C THR B 214 -24.55 6.39 -9.99
N PRO B 215 -24.03 7.61 -9.72
CA PRO B 215 -24.72 8.83 -10.18
C PRO B 215 -25.06 8.79 -11.67
N ILE B 216 -24.20 8.25 -12.54
CA ILE B 216 -24.50 8.35 -13.98
C ILE B 216 -25.41 7.18 -14.40
N ARG B 217 -25.70 6.27 -13.46
CA ARG B 217 -26.68 5.19 -13.64
C ARG B 217 -26.31 4.16 -14.73
N ARG B 218 -25.01 4.02 -15.00
CA ARG B 218 -24.48 3.03 -15.91
C ARG B 218 -23.08 2.71 -15.41
N THR B 219 -22.62 1.52 -15.75
CA THR B 219 -21.26 1.11 -15.40
C THR B 219 -20.36 1.81 -16.45
N VAL B 220 -19.14 2.19 -16.08
CA VAL B 220 -18.17 2.70 -17.06
C VAL B 220 -17.67 1.62 -18.01
N THR B 221 -17.21 2.05 -19.17
CA THR B 221 -16.70 1.18 -20.20
C THR B 221 -15.20 1.39 -20.44
N ILE B 222 -14.56 0.46 -21.15
CA ILE B 222 -13.16 0.69 -21.53
C ILE B 222 -12.99 1.91 -22.45
N GLU B 223 -14.04 2.30 -23.17
CA GLU B 223 -14.02 3.59 -23.92
C GLU B 223 -13.96 4.82 -22.99
N ASP B 224 -14.81 4.86 -21.98
CA ASP B 224 -14.72 5.91 -20.96
C ASP B 224 -13.31 5.99 -20.35
N VAL B 225 -12.82 4.84 -19.91
CA VAL B 225 -11.49 4.76 -19.32
C VAL B 225 -10.43 5.16 -20.35
N GLY B 226 -10.56 4.67 -21.58
CA GLY B 226 -9.53 4.93 -22.58
C GLY B 226 -9.41 6.41 -22.89
N ASN B 227 -10.56 7.08 -22.96
CA ASN B 227 -10.62 8.50 -23.25
C ASN B 227 -9.98 9.36 -22.14
N SER B 228 -10.23 9.00 -20.87
CA SER B 228 -9.51 9.58 -19.74
C SER B 228 -8.01 9.28 -19.69
N ALA B 229 -7.65 8.05 -20.07
CA ALA B 229 -6.23 7.67 -20.16
C ALA B 229 -5.51 8.47 -21.26
N ALA B 230 -6.10 8.53 -22.44
CA ALA B 230 -5.55 9.38 -23.50
C ALA B 230 -5.30 10.80 -23.02
N PHE B 231 -6.27 11.39 -22.32
CA PHE B 231 -6.13 12.75 -21.77
C PHE B 231 -4.92 12.86 -20.83
N LEU B 232 -4.84 11.92 -19.86
CA LEU B 232 -3.82 11.96 -18.82
C LEU B 232 -2.42 11.72 -19.36
N CYS B 233 -2.32 11.07 -20.51
CA CYS B 233 -1.01 10.94 -21.20
C CYS B 233 -0.66 12.03 -22.21
N SER B 234 -1.51 13.04 -22.38
CA SER B 234 -1.31 14.01 -23.43
C SER B 234 -0.91 15.31 -22.74
N ASP B 235 -0.36 16.24 -23.51
CA ASP B 235 -0.05 17.54 -22.95
C ASP B 235 -1.28 18.36 -22.49
N LEU B 236 -2.51 17.93 -22.79
CA LEU B 236 -3.70 18.59 -22.23
C LEU B 236 -3.72 18.44 -20.71
N SER B 237 -3.02 17.45 -20.17
CA SER B 237 -3.10 17.28 -18.70
C SER B 237 -1.81 17.73 -18.03
N ALA B 238 -1.08 18.65 -18.68
CA ALA B 238 0.20 19.17 -18.20
C ALA B 238 0.19 19.68 -16.76
N GLY B 239 -0.96 20.15 -16.28
CA GLY B 239 -1.12 20.56 -14.88
C GLY B 239 -1.42 19.46 -13.85
N ILE B 240 -1.49 18.18 -14.26
CA ILE B 240 -1.91 17.08 -13.37
C ILE B 240 -0.83 16.01 -13.19
N SER B 241 -0.38 15.83 -11.95
CA SER B 241 0.64 14.82 -11.68
C SER B 241 0.45 14.31 -10.26
N GLY B 242 0.76 13.02 -10.04
CA GLY B 242 0.55 12.37 -8.74
C GLY B 242 -0.90 12.21 -8.32
N GLU B 243 -1.79 12.32 -9.30
CA GLU B 243 -3.23 12.28 -9.03
C GLU B 243 -3.87 10.91 -9.29
N VAL B 244 -4.78 10.51 -8.40
CA VAL B 244 -5.66 9.35 -8.67
C VAL B 244 -7.01 9.89 -9.17
N VAL B 245 -7.32 9.74 -10.46
CA VAL B 245 -8.58 10.25 -10.99
C VAL B 245 -9.64 9.13 -10.99
N HIS B 246 -10.80 9.39 -10.39
CA HIS B 246 -11.84 8.38 -10.36
C HIS B 246 -12.70 8.45 -11.63
N VAL B 247 -12.63 7.38 -12.41
CA VAL B 247 -13.43 7.29 -13.64
C VAL B 247 -14.44 6.16 -13.40
N ASP B 248 -15.33 6.37 -12.43
CA ASP B 248 -16.23 5.31 -11.95
C ASP B 248 -17.67 5.79 -11.92
N GLY B 249 -17.94 6.85 -12.68
CA GLY B 249 -19.31 7.39 -12.80
C GLY B 249 -19.84 8.02 -11.53
N GLY B 250 -18.94 8.34 -10.60
CA GLY B 250 -19.30 9.00 -9.37
C GLY B 250 -19.63 8.00 -8.27
N PHE B 251 -19.45 6.71 -8.54
CA PHE B 251 -19.79 5.70 -7.53
C PHE B 251 -19.19 6.02 -6.15
N SER B 252 -17.91 6.37 -6.11
CA SER B 252 -17.18 6.50 -4.83
C SER B 252 -17.70 7.68 -3.98
N ILE B 253 -18.32 8.68 -4.60
CA ILE B 253 -18.72 9.87 -3.84
C ILE B 253 -20.18 9.85 -3.40
N ALA B 254 -20.84 8.72 -3.62
CA ALA B 254 -22.24 8.53 -3.24
C ALA B 254 -22.36 7.58 -2.06
N ALA B 255 -23.43 7.71 -1.28
CA ALA B 255 -23.68 6.76 -0.17
C ALA B 255 -25.18 6.56 0.05
N MET B 256 -25.62 5.33 0.15
CA MET B 256 -26.97 4.98 0.60
C MET B 256 -28.11 5.22 -0.42
N ASN B 257 -27.84 5.21 -1.73
CA ASN B 257 -28.91 5.44 -2.73
C ASN B 257 -29.91 4.28 -2.98
#